data_2F82
#
_entry.id   2F82
#
_cell.length_a   61.130
_cell.length_b   61.130
_cell.length_c   433.670
_cell.angle_alpha   90.00
_cell.angle_beta   90.00
_cell.angle_gamma   120.00
#
_symmetry.space_group_name_H-M   'P 61 2 2'
#
loop_
_entity.id
_entity.type
_entity.pdbx_description
1 polymer 'HMG-CoA synthase'
2 water water
#
_entity_poly.entity_id   1
_entity_poly.type   'polypeptide(L)'
_entity_poly.pdbx_seq_one_letter_code
;AKNVGILAMDIYFPPTCVQQEALEAHDGASKGKYTIGLGQDCLAFCTELEDVISMSFNAVTSLLEKYKIDPKQIGRLEVG
SETVIDKSKSIKTFLMQLFEKCGNTDVEGVDSTNACYGGTAALLNCVNWVESNSWDGRYGLVICTDSAVYAEGPARPTGG
AAAIAMLIGPDAPIVFESKLRGSHMAHVYDFYKPNLASEYPVVDGKLSQTCYLMALDSCYKHLCNKFEKLEGKEFSINDA
DYFVFHSPYNKLVQKSFARLLYNDFLRNASSIDEAAKEKFTPYSSLSLDESYQSRDLEKVSQQLAKTYYDAKVQPTTLVP
KQVGNMYTASLYAAFASLVHNKHSDLAGKRVVMFSYGSGSTATMFSLRLCENQSPFSLSNIASVMDVGGKLKARHEYAPE
KFVETMKLMEHRYGAKEFVTSKEGILDLLAPGTYYLKEVDSLYRRFYGKK
;
_entity_poly.pdbx_strand_id   A
#
# COMPACT_ATOMS: atom_id res chain seq x y z
N ALA A 1 17.32 -10.63 19.02
CA ALA A 1 17.03 -9.74 17.85
C ALA A 1 16.49 -8.40 18.37
N LYS A 2 17.27 -7.35 18.21
CA LYS A 2 16.86 -6.06 18.73
C LYS A 2 16.51 -5.12 17.62
N ASN A 3 15.61 -4.20 17.93
CA ASN A 3 15.23 -3.16 17.00
C ASN A 3 14.80 -3.74 15.64
N VAL A 4 13.92 -4.73 15.67
CA VAL A 4 13.53 -5.39 14.43
C VAL A 4 12.67 -4.44 13.61
N GLY A 5 12.92 -4.40 12.31
CA GLY A 5 12.02 -3.72 11.43
C GLY A 5 12.48 -3.80 9.99
N ILE A 6 12.19 -2.75 9.23
CA ILE A 6 12.48 -2.73 7.80
C ILE A 6 13.92 -2.27 7.57
N LEU A 7 14.71 -3.11 6.94
CA LEU A 7 16.10 -2.84 6.62
C LEU A 7 16.29 -2.14 5.27
N ALA A 8 15.43 -2.52 4.31
CA ALA A 8 15.63 -2.14 2.93
C ALA A 8 14.29 -2.29 2.24
N MET A 9 14.06 -1.46 1.22
CA MET A 9 12.83 -1.51 0.44
C MET A 9 13.16 -1.19 -0.99
N ASP A 10 12.44 -1.81 -1.91
CA ASP A 10 12.39 -1.34 -3.29
C ASP A 10 10.97 -1.45 -3.84
N ILE A 11 10.72 -0.79 -4.97
CA ILE A 11 9.35 -0.60 -5.45
C ILE A 11 9.35 -0.72 -6.95
N TYR A 12 8.33 -1.41 -7.47
CA TYR A 12 8.13 -1.44 -8.89
C TYR A 12 6.69 -1.10 -9.23
N PHE A 13 6.52 -0.21 -10.22
CA PHE A 13 5.21 -0.02 -10.87
C PHE A 13 5.36 0.01 -12.41
N PRO A 14 4.32 -0.41 -13.13
CA PRO A 14 4.46 -0.41 -14.57
C PRO A 14 4.70 1.02 -15.13
N PRO A 15 5.59 1.16 -16.13
CA PRO A 15 5.84 2.49 -16.70
C PRO A 15 4.64 3.04 -17.46
N THR A 16 3.74 2.16 -17.89
CA THR A 16 2.60 2.54 -18.72
C THR A 16 1.53 3.15 -17.81
N CYS A 17 1.07 4.37 -18.15
CA CYS A 17 0.11 5.10 -17.33
C CYS A 17 -0.84 5.96 -18.15
N VAL A 18 -1.89 6.42 -17.50
CA VAL A 18 -2.84 7.32 -18.11
C VAL A 18 -3.11 8.48 -17.15
N GLN A 19 -3.05 9.69 -17.69
CA GLN A 19 -3.29 10.89 -16.91
C GLN A 19 -4.76 11.03 -16.57
N GLN A 20 -5.05 11.32 -15.30
CA GLN A 20 -6.44 11.41 -14.81
C GLN A 20 -7.23 12.55 -15.49
N GLU A 21 -6.58 13.68 -15.67
CA GLU A 21 -7.21 14.77 -16.44
C GLU A 21 -7.75 14.33 -17.82
N ALA A 22 -6.92 13.61 -18.57
CA ALA A 22 -7.29 13.08 -19.89
C ALA A 22 -8.43 12.04 -19.80
N LEU A 23 -8.34 11.17 -18.79
CA LEU A 23 -9.40 10.21 -18.50
C LEU A 23 -10.74 10.86 -18.14
N GLU A 24 -10.72 11.90 -17.31
CA GLU A 24 -11.91 12.73 -17.08
C GLU A 24 -12.55 13.15 -18.42
N ALA A 25 -11.73 13.72 -19.31
CA ALA A 25 -12.23 14.23 -20.58
C ALA A 25 -12.78 13.07 -21.43
N HIS A 26 -12.00 11.99 -21.56
CA HIS A 26 -12.44 10.78 -22.25
C HIS A 26 -13.79 10.25 -21.76
N ASP A 27 -13.97 10.23 -20.44
CA ASP A 27 -15.22 9.84 -19.81
C ASP A 27 -16.13 11.04 -19.92
N GLY A 28 -17.38 10.93 -19.49
CA GLY A 28 -18.24 12.13 -19.65
C GLY A 28 -18.14 13.09 -18.48
N ALA A 29 -16.97 13.16 -17.83
CA ALA A 29 -16.82 13.72 -16.45
C ALA A 29 -16.43 15.20 -16.34
N SER A 30 -17.08 15.89 -15.42
CA SER A 30 -16.83 17.31 -15.18
C SER A 30 -15.39 17.48 -14.69
N LYS A 31 -14.74 18.56 -15.10
CA LYS A 31 -13.31 18.76 -14.83
C LYS A 31 -13.00 18.65 -13.34
N GLY A 32 -11.93 17.91 -13.02
CA GLY A 32 -11.49 17.75 -11.65
C GLY A 32 -12.23 16.70 -10.84
N LYS A 33 -13.19 16.03 -11.47
CA LYS A 33 -13.86 14.90 -10.82
C LYS A 33 -12.87 13.85 -10.29
N TYR A 34 -11.78 13.64 -11.03
CA TYR A 34 -10.79 12.64 -10.69
C TYR A 34 -9.60 13.31 -9.97
N THR A 35 -9.14 14.42 -10.51
CA THR A 35 -7.91 15.04 -10.00
C THR A 35 -8.11 15.74 -8.66
N ILE A 36 -9.35 16.18 -8.41
CA ILE A 36 -9.73 16.88 -7.18
C ILE A 36 -10.62 15.98 -6.35
N GLY A 37 -11.71 15.49 -6.94
CA GLY A 37 -12.69 14.67 -6.22
C GLY A 37 -12.10 13.37 -5.69
N LEU A 38 -11.17 12.78 -6.46
CA LEU A 38 -10.42 11.60 -6.00
C LEU A 38 -9.08 12.03 -5.48
N GLY A 39 -8.61 13.19 -5.91
CA GLY A 39 -7.27 13.64 -5.56
C GLY A 39 -6.17 12.89 -6.28
N GLN A 40 -6.50 12.27 -7.42
CA GLN A 40 -5.54 11.43 -8.18
C GLN A 40 -5.03 12.08 -9.45
N ASP A 41 -3.73 11.98 -9.72
CA ASP A 41 -3.17 12.64 -10.91
C ASP A 41 -2.95 11.72 -12.10
N CYS A 42 -2.37 10.54 -11.82
CA CYS A 42 -1.99 9.58 -12.85
C CYS A 42 -2.30 8.15 -12.38
N LEU A 43 -2.52 7.25 -13.34
CA LEU A 43 -2.86 5.83 -13.09
C LEU A 43 -1.92 4.89 -13.87
N ALA A 44 -1.04 4.17 -13.15
CA ALA A 44 -0.17 3.14 -13.71
C ALA A 44 -0.92 1.84 -13.86
N PHE A 45 -0.71 1.13 -14.97
CA PHE A 45 -1.45 -0.08 -15.23
C PHE A 45 -0.58 -1.11 -15.97
N CYS A 46 -0.81 -2.38 -15.64
CA CYS A 46 -0.13 -3.47 -16.33
C CYS A 46 -0.73 -3.63 -17.70
N THR A 47 0.15 -3.64 -18.69
CA THR A 47 -0.23 -4.13 -20.00
C THR A 47 -0.17 -5.66 -19.94
N GLU A 48 -0.38 -6.28 -21.10
CA GLU A 48 -0.51 -7.71 -21.21
C GLU A 48 0.79 -8.38 -20.82
N LEU A 49 1.89 -7.63 -20.89
CA LEU A 49 3.23 -8.10 -20.57
C LEU A 49 3.60 -8.10 -19.08
N GLU A 50 2.72 -7.56 -18.21
CA GLU A 50 3.03 -7.40 -16.77
C GLU A 50 1.91 -7.92 -15.87
N ASP A 51 2.30 -8.52 -14.75
CA ASP A 51 1.33 -9.04 -13.79
C ASP A 51 1.98 -9.04 -12.41
N VAL A 52 1.25 -9.49 -11.40
CA VAL A 52 1.76 -9.48 -10.03
C VAL A 52 3.07 -10.27 -9.87
N ILE A 53 3.19 -11.40 -10.58
CA ILE A 53 4.37 -12.23 -10.54
C ILE A 53 5.52 -11.47 -11.12
N SER A 54 5.36 -10.92 -12.33
CA SER A 54 6.47 -10.22 -12.98
C SER A 54 6.92 -8.98 -12.17
N MET A 55 5.95 -8.18 -11.71
CA MET A 55 6.26 -7.02 -10.87
C MET A 55 6.99 -7.40 -9.58
N SER A 56 6.61 -8.52 -8.97
CA SER A 56 7.31 -9.03 -7.77
C SER A 56 8.73 -9.40 -8.11
N PHE A 57 8.92 -10.11 -9.24
CA PHE A 57 10.29 -10.39 -9.74
C PHE A 57 11.16 -9.13 -9.81
N ASN A 58 10.66 -8.08 -10.46
CA ASN A 58 11.41 -6.82 -10.59
C ASN A 58 11.83 -6.22 -9.22
N ALA A 59 10.84 -6.06 -8.34
CA ALA A 59 11.05 -5.46 -7.02
C ALA A 59 12.02 -6.26 -6.16
N VAL A 60 11.96 -7.60 -6.20
CA VAL A 60 12.77 -8.47 -5.32
C VAL A 60 14.20 -8.55 -5.85
N THR A 61 14.32 -8.75 -7.15
CA THR A 61 15.60 -8.82 -7.80
C THR A 61 16.30 -7.46 -7.68
N SER A 62 15.56 -6.37 -7.84
CA SER A 62 16.16 -5.04 -7.65
C SER A 62 16.62 -4.86 -6.19
N LEU A 63 15.78 -5.26 -5.25
CA LEU A 63 16.19 -5.15 -3.86
C LEU A 63 17.47 -5.94 -3.59
N LEU A 64 17.43 -7.23 -3.92
CA LEU A 64 18.56 -8.15 -3.69
C LEU A 64 19.85 -7.59 -4.24
N GLU A 65 19.72 -7.09 -5.45
CA GLU A 65 20.80 -6.59 -6.26
C GLU A 65 21.40 -5.30 -5.69
N LYS A 66 20.58 -4.26 -5.52
CA LYS A 66 21.06 -2.92 -5.13
C LYS A 66 21.51 -2.82 -3.68
N TYR A 67 20.96 -3.67 -2.82
CA TYR A 67 21.39 -3.66 -1.43
C TYR A 67 22.47 -4.73 -1.20
N LYS A 68 22.75 -5.51 -2.24
CA LYS A 68 23.82 -6.50 -2.20
C LYS A 68 23.50 -7.58 -1.16
N ILE A 69 22.31 -8.15 -1.30
CA ILE A 69 21.87 -9.17 -0.37
C ILE A 69 22.08 -10.53 -0.99
N ASP A 70 22.77 -11.40 -0.28
CA ASP A 70 22.92 -12.78 -0.66
C ASP A 70 21.55 -13.47 -0.53
N PRO A 71 21.00 -14.00 -1.65
CA PRO A 71 19.73 -14.74 -1.61
C PRO A 71 19.74 -15.95 -0.67
N LYS A 72 20.91 -16.52 -0.39
CA LYS A 72 21.05 -17.60 0.59
C LYS A 72 20.75 -17.12 2.02
N GLN A 73 20.79 -15.80 2.20
CA GLN A 73 20.56 -15.18 3.50
C GLN A 73 19.08 -14.80 3.78
N ILE A 74 18.17 -15.33 2.99
CA ILE A 74 16.75 -15.13 3.22
C ILE A 74 16.23 -16.40 3.87
N GLY A 75 15.66 -16.25 5.07
CA GLY A 75 15.13 -17.36 5.85
C GLY A 75 13.62 -17.48 5.84
N ARG A 76 12.95 -16.42 5.43
CA ARG A 76 11.50 -16.35 5.34
C ARG A 76 11.12 -15.42 4.18
N LEU A 77 10.16 -15.86 3.36
CA LEU A 77 9.65 -15.09 2.24
C LEU A 77 8.13 -15.19 2.28
N GLU A 78 7.46 -14.05 2.39
CA GLU A 78 6.01 -14.02 2.51
C GLU A 78 5.44 -13.00 1.54
N VAL A 79 4.23 -13.26 1.04
CA VAL A 79 3.56 -12.41 0.05
C VAL A 79 2.19 -11.97 0.53
N GLY A 80 1.92 -10.68 0.33
CA GLY A 80 0.58 -10.16 0.53
C GLY A 80 0.04 -9.76 -0.84
N SER A 81 -1.20 -10.15 -1.12
CA SER A 81 -1.81 -9.83 -2.40
C SER A 81 -3.27 -10.11 -2.29
N GLU A 82 -4.11 -9.36 -2.99
CA GLU A 82 -5.48 -9.86 -3.13
C GLU A 82 -5.78 -10.29 -4.57
N THR A 83 -4.71 -10.42 -5.36
CA THR A 83 -4.82 -10.69 -6.78
C THR A 83 -4.64 -12.18 -7.00
N VAL A 84 -5.76 -12.88 -7.18
CA VAL A 84 -5.82 -14.36 -7.19
C VAL A 84 -5.38 -14.95 -8.54
N ILE A 85 -4.29 -15.73 -8.51
CA ILE A 85 -3.73 -16.37 -9.70
C ILE A 85 -4.08 -17.86 -9.72
N ASP A 86 -4.14 -18.46 -8.55
CA ASP A 86 -4.48 -19.87 -8.43
C ASP A 86 -5.23 -19.97 -7.11
N LYS A 87 -6.17 -20.92 -7.04
CA LYS A 87 -6.94 -21.11 -5.82
C LYS A 87 -6.21 -21.93 -4.76
N SER A 88 -5.18 -22.68 -5.22
CA SER A 88 -4.37 -23.55 -4.39
C SER A 88 -2.89 -23.11 -4.24
N LYS A 89 -2.23 -22.87 -5.39
CA LYS A 89 -0.80 -22.55 -5.44
C LYS A 89 -0.51 -21.05 -5.19
N SER A 90 0.21 -20.77 -4.12
CA SER A 90 0.53 -19.40 -3.70
C SER A 90 1.48 -18.66 -4.65
N ILE A 91 1.34 -17.34 -4.63
CA ILE A 91 2.30 -16.45 -5.27
C ILE A 91 3.73 -16.66 -4.67
N LYS A 92 3.80 -16.94 -3.36
CA LYS A 92 5.07 -17.23 -2.68
C LYS A 92 5.86 -18.31 -3.44
N THR A 93 5.22 -19.43 -3.78
CA THR A 93 5.87 -20.51 -4.56
C THR A 93 6.50 -20.04 -5.88
N PHE A 94 5.81 -19.20 -6.63
CA PHE A 94 6.37 -18.62 -7.86
C PHE A 94 7.70 -17.91 -7.61
N LEU A 95 7.71 -17.04 -6.60
CA LEU A 95 8.89 -16.28 -6.18
C LEU A 95 10.07 -17.16 -5.74
N MET A 96 9.79 -18.39 -5.32
CA MET A 96 10.87 -19.28 -4.92
C MET A 96 11.88 -19.56 -6.05
N GLN A 97 11.46 -19.48 -7.31
CA GLN A 97 12.43 -19.60 -8.43
C GLN A 97 13.63 -18.68 -8.17
N LEU A 98 13.37 -17.44 -7.74
CA LEU A 98 14.44 -16.50 -7.45
C LEU A 98 15.47 -16.97 -6.39
N PHE A 99 15.12 -17.99 -5.59
CA PHE A 99 16.04 -18.55 -4.57
C PHE A 99 16.60 -19.93 -4.90
N GLU A 100 15.86 -20.71 -5.69
CA GLU A 100 16.28 -22.06 -6.08
C GLU A 100 17.68 -22.07 -6.68
N LYS A 101 17.93 -21.13 -7.59
CA LYS A 101 19.24 -20.92 -8.22
C LYS A 101 20.43 -20.82 -7.25
N CYS A 102 20.18 -20.30 -6.05
CA CYS A 102 21.18 -20.30 -4.97
C CYS A 102 21.16 -21.56 -4.10
N GLY A 103 20.20 -22.45 -4.34
CA GLY A 103 20.02 -23.65 -3.52
C GLY A 103 19.38 -23.32 -2.16
N ASN A 104 18.72 -22.17 -2.08
CA ASN A 104 18.07 -21.76 -0.85
C ASN A 104 16.58 -22.11 -0.91
N THR A 105 16.28 -23.34 -0.51
CA THR A 105 14.90 -23.83 -0.51
C THR A 105 14.35 -23.98 0.90
N ASP A 106 15.24 -23.97 1.92
CA ASP A 106 14.80 -23.93 3.30
C ASP A 106 14.33 -22.52 3.74
N VAL A 107 13.13 -22.16 3.29
CA VAL A 107 12.61 -20.81 3.49
C VAL A 107 11.15 -20.92 4.01
N GLU A 108 10.86 -20.26 5.13
CA GLU A 108 9.50 -20.21 5.62
C GLU A 108 8.62 -19.19 4.88
N GLY A 109 7.31 -19.32 5.09
CA GLY A 109 6.32 -18.32 4.63
C GLY A 109 5.44 -18.80 3.48
N VAL A 110 4.21 -18.28 3.45
CA VAL A 110 3.32 -18.47 2.31
C VAL A 110 2.67 -17.11 1.94
N ASP A 111 1.45 -17.15 1.38
CA ASP A 111 0.65 -15.96 1.13
C ASP A 111 -0.27 -15.61 2.32
N SER A 112 -0.35 -14.31 2.62
CA SER A 112 -1.38 -13.80 3.53
C SER A 112 -2.45 -13.09 2.74
N THR A 113 -3.70 -13.33 3.13
CA THR A 113 -4.84 -12.66 2.50
C THR A 113 -5.92 -12.14 3.43
N ASN A 114 -6.18 -10.84 3.30
CA ASN A 114 -7.52 -10.29 3.44
C ASN A 114 -7.46 -8.94 2.77
N ALA A 115 -8.08 -8.86 1.58
CA ALA A 115 -8.21 -7.63 0.82
C ALA A 115 -6.89 -6.82 0.87
N CYS A 116 -6.97 -5.53 1.11
CA CYS A 116 -5.76 -4.68 1.06
C CYS A 116 -4.84 -4.81 2.32
N TYR A 117 -5.17 -5.74 3.22
CA TYR A 117 -4.43 -5.89 4.48
C TYR A 117 -3.37 -7.01 4.44
N GLY A 118 -3.43 -7.86 3.41
CA GLY A 118 -2.50 -8.99 3.28
C GLY A 118 -1.02 -8.66 3.39
N GLY A 119 -0.61 -7.51 2.85
CA GLY A 119 0.81 -7.12 2.91
C GLY A 119 1.26 -6.79 4.34
N THR A 120 0.43 -6.02 5.06
CA THR A 120 0.62 -5.82 6.50
C THR A 120 0.70 -7.13 7.30
N ALA A 121 -0.27 -8.03 7.12
CA ALA A 121 -0.28 -9.29 7.85
C ALA A 121 1.05 -10.03 7.65
N ALA A 122 1.53 -10.05 6.41
CA ALA A 122 2.81 -10.68 6.12
C ALA A 122 4.00 -10.00 6.80
N LEU A 123 3.96 -8.67 6.82
CA LEU A 123 5.02 -7.85 7.38
C LEU A 123 5.17 -8.13 8.86
N LEU A 124 4.03 -8.14 9.54
CA LEU A 124 3.97 -8.41 10.95
C LEU A 124 4.39 -9.85 11.28
N ASN A 125 3.98 -10.82 10.46
CA ASN A 125 4.38 -12.22 10.67
C ASN A 125 5.91 -12.33 10.57
N CYS A 126 6.48 -11.56 9.67
CA CYS A 126 7.90 -11.65 9.42
C CYS A 126 8.68 -10.99 10.53
N VAL A 127 8.21 -9.84 11.00
CA VAL A 127 8.82 -9.21 12.17
C VAL A 127 8.71 -10.21 13.33
N ASN A 128 7.53 -10.77 13.57
CA ASN A 128 7.40 -11.72 14.71
C ASN A 128 8.35 -12.92 14.51
N TRP A 129 8.54 -13.36 13.26
CA TRP A 129 9.44 -14.50 13.01
C TRP A 129 10.90 -14.20 13.45
N VAL A 130 11.40 -13.02 13.06
CA VAL A 130 12.72 -12.51 13.51
C VAL A 130 12.88 -12.48 15.02
N GLU A 131 11.84 -12.05 15.73
CA GLU A 131 11.84 -12.02 17.22
C GLU A 131 11.57 -13.34 17.90
N SER A 132 11.29 -14.40 17.13
CA SER A 132 10.82 -15.67 17.71
C SER A 132 11.99 -16.61 18.04
N ASN A 133 11.70 -17.66 18.81
CA ASN A 133 12.68 -18.69 19.12
C ASN A 133 13.13 -19.46 17.91
N SER A 134 12.29 -19.52 16.86
CA SER A 134 12.63 -20.21 15.61
C SER A 134 13.52 -19.43 14.63
N TRP A 135 13.84 -18.18 14.94
CA TRP A 135 14.64 -17.40 14.03
C TRP A 135 16.01 -18.04 13.82
N ASP A 136 16.47 -18.10 12.57
CA ASP A 136 17.76 -18.72 12.29
C ASP A 136 18.84 -17.67 11.97
N GLY A 137 18.55 -16.40 12.22
CA GLY A 137 19.55 -15.37 12.02
C GLY A 137 19.54 -14.76 10.62
N ARG A 138 18.69 -15.26 9.72
CA ARG A 138 18.62 -14.73 8.36
C ARG A 138 17.54 -13.64 8.21
N TYR A 139 17.56 -12.94 7.08
CA TYR A 139 16.60 -11.93 6.71
C TYR A 139 15.18 -12.47 6.45
N GLY A 140 14.18 -11.67 6.79
CA GLY A 140 12.84 -11.91 6.24
C GLY A 140 12.66 -11.06 5.02
N LEU A 141 11.81 -11.49 4.08
CA LEU A 141 11.53 -10.72 2.87
C LEU A 141 10.04 -10.70 2.62
N VAL A 142 9.47 -9.50 2.59
CA VAL A 142 8.03 -9.37 2.43
C VAL A 142 7.78 -8.76 1.07
N ILE A 143 6.83 -9.32 0.33
CA ILE A 143 6.37 -8.74 -0.93
C ILE A 143 4.91 -8.37 -0.81
N CYS A 144 4.59 -7.13 -1.18
CA CYS A 144 3.20 -6.71 -1.41
C CYS A 144 3.05 -6.48 -2.91
N THR A 145 2.06 -7.11 -3.54
CA THR A 145 1.94 -6.97 -5.02
C THR A 145 0.48 -7.02 -5.39
N ASP A 146 0.06 -6.11 -6.28
CA ASP A 146 -1.35 -6.11 -6.68
C ASP A 146 -1.49 -5.37 -8.00
N SER A 147 -2.49 -5.79 -8.77
CA SER A 147 -2.87 -5.11 -10.00
C SER A 147 -4.36 -5.35 -10.22
N ALA A 148 -5.09 -4.26 -10.41
CA ALA A 148 -6.48 -4.38 -10.86
C ALA A 148 -6.90 -3.02 -11.34
N VAL A 149 -7.32 -2.97 -12.60
CA VAL A 149 -8.08 -1.82 -13.11
C VAL A 149 -9.36 -2.37 -13.80
N TYR A 150 -10.54 -2.02 -13.27
CA TYR A 150 -11.79 -2.44 -13.87
C TYR A 150 -11.91 -1.82 -15.27
N ALA A 151 -12.12 -2.67 -16.27
CA ALA A 151 -12.15 -2.25 -17.68
C ALA A 151 -13.27 -1.25 -17.99
N GLU A 152 -14.38 -1.37 -17.27
CA GLU A 152 -15.51 -0.43 -17.41
C GLU A 152 -16.07 0.00 -16.05
N GLY A 153 -17.07 0.87 -16.08
CA GLY A 153 -17.79 1.25 -14.85
C GLY A 153 -17.09 2.37 -14.10
N PRO A 154 -17.71 2.86 -13.01
CA PRO A 154 -17.31 4.04 -12.23
C PRO A 154 -16.05 3.85 -11.38
N ALA A 155 -15.62 2.60 -11.25
CA ALA A 155 -14.46 2.27 -10.46
C ALA A 155 -13.15 2.23 -11.26
N ARG A 156 -13.24 2.32 -12.59
CA ARG A 156 -12.07 2.34 -13.48
C ARG A 156 -10.98 3.40 -13.13
N PRO A 157 -11.37 4.65 -12.81
CA PRO A 157 -10.33 5.62 -12.42
C PRO A 157 -9.57 5.32 -11.13
N THR A 158 -10.11 4.44 -10.28
CA THR A 158 -9.48 4.08 -9.02
C THR A 158 -8.62 2.80 -9.13
N GLY A 159 -8.03 2.53 -10.30
CA GLY A 159 -7.16 1.36 -10.47
C GLY A 159 -5.71 1.70 -10.19
N GLY A 160 -4.82 0.70 -10.31
CA GLY A 160 -3.38 0.90 -10.19
C GLY A 160 -2.66 -0.44 -10.09
N ALA A 161 -1.34 -0.40 -9.98
CA ALA A 161 -0.51 -1.62 -9.92
C ALA A 161 0.82 -1.28 -9.32
N ALA A 162 1.31 -2.16 -8.45
CA ALA A 162 2.71 -2.09 -8.01
C ALA A 162 3.08 -3.32 -7.24
N ALA A 163 4.39 -3.51 -7.07
CA ALA A 163 4.97 -4.47 -6.12
C ALA A 163 6.00 -3.71 -5.29
N ILE A 164 5.99 -3.98 -3.97
CA ILE A 164 7.00 -3.49 -3.05
C ILE A 164 7.69 -4.70 -2.38
N ALA A 165 9.01 -4.64 -2.22
CA ALA A 165 9.74 -5.68 -1.48
C ALA A 165 10.40 -5.03 -0.28
N MET A 166 10.32 -5.71 0.87
CA MET A 166 10.87 -5.16 2.13
C MET A 166 11.69 -6.25 2.80
N LEU A 167 12.93 -5.91 3.13
CA LEU A 167 13.83 -6.80 3.86
C LEU A 167 13.71 -6.49 5.35
N ILE A 168 13.58 -7.54 6.15
CA ILE A 168 13.23 -7.44 7.56
C ILE A 168 14.36 -8.04 8.37
N GLY A 169 14.78 -7.35 9.43
CA GLY A 169 15.86 -7.87 10.26
C GLY A 169 16.10 -6.96 11.45
N PRO A 170 16.98 -7.37 12.37
CA PRO A 170 17.32 -6.64 13.58
C PRO A 170 18.17 -5.42 13.24
N ASP A 171 18.25 -4.48 14.17
CA ASP A 171 19.11 -3.31 14.01
C ASP A 171 18.73 -2.45 12.79
N ALA A 172 17.45 -2.09 12.70
CA ALA A 172 16.90 -1.54 11.46
C ALA A 172 16.85 -0.02 11.57
N PRO A 173 16.81 0.68 10.42
CA PRO A 173 16.54 2.12 10.46
C PRO A 173 15.07 2.44 10.66
N ILE A 174 14.22 1.45 10.45
CA ILE A 174 12.78 1.59 10.57
C ILE A 174 12.32 0.55 11.60
N VAL A 175 12.05 0.97 12.82
CA VAL A 175 11.88 0.03 13.93
C VAL A 175 10.43 0.01 14.37
N PHE A 176 9.88 -1.20 14.48
CA PHE A 176 8.55 -1.36 15.01
C PHE A 176 8.52 -0.99 16.48
N GLU A 177 7.61 -0.08 16.86
CA GLU A 177 7.37 0.17 18.27
C GLU A 177 6.32 -0.84 18.62
N SER A 178 6.76 -1.97 19.14
CA SER A 178 6.02 -3.22 19.11
C SER A 178 4.69 -3.21 19.81
N LYS A 179 4.58 -2.46 20.91
CA LYS A 179 3.35 -2.47 21.69
C LYS A 179 2.39 -1.35 21.30
N LEU A 180 2.86 -0.44 20.47
CA LEU A 180 2.11 0.75 20.14
C LEU A 180 1.33 0.48 18.84
N ARG A 181 0.18 -0.17 19.00
CA ARG A 181 -0.72 -0.55 17.92
C ARG A 181 -2.11 -0.88 18.39
N GLY A 182 -3.01 -0.88 17.45
CA GLY A 182 -4.31 -1.34 17.71
C GLY A 182 -4.91 -1.87 16.44
N SER A 183 -5.69 -2.94 16.57
CA SER A 183 -6.31 -3.63 15.43
C SER A 183 -7.82 -3.62 15.60
N HIS A 184 -8.52 -3.80 14.48
CA HIS A 184 -9.96 -3.94 14.47
C HIS A 184 -10.32 -4.89 13.33
N MET A 185 -11.05 -5.94 13.68
CA MET A 185 -11.43 -6.95 12.73
C MET A 185 -12.84 -7.33 13.06
N ALA A 186 -13.59 -7.67 12.00
CA ALA A 186 -15.04 -7.85 12.09
C ALA A 186 -15.53 -8.59 10.86
N HIS A 187 -16.71 -9.20 11.00
CA HIS A 187 -17.39 -9.83 9.88
C HIS A 187 -18.35 -8.83 9.25
N VAL A 188 -17.96 -8.29 8.10
CA VAL A 188 -18.84 -7.38 7.34
C VAL A 188 -18.83 -7.72 5.86
N TYR A 189 -19.90 -7.30 5.20
CA TYR A 189 -20.02 -7.45 3.76
C TYR A 189 -20.02 -6.08 3.09
N ASP A 190 -18.96 -5.32 3.35
CA ASP A 190 -18.80 -3.97 2.81
C ASP A 190 -18.30 -3.97 1.36
N PHE A 191 -17.31 -4.84 1.12
CA PHE A 191 -16.67 -5.00 -0.17
C PHE A 191 -16.05 -6.37 -0.16
N TYR A 192 -16.44 -7.19 -1.12
CA TYR A 192 -15.97 -8.57 -1.21
C TYR A 192 -16.09 -9.05 -2.66
N LYS A 193 -15.42 -10.18 -2.96
CA LYS A 193 -15.41 -10.76 -4.30
C LYS A 193 -15.91 -12.23 -4.27
N PRO A 194 -17.24 -12.41 -4.27
CA PRO A 194 -17.90 -13.71 -4.02
C PRO A 194 -18.12 -14.57 -5.27
N ASN A 195 -17.99 -13.93 -6.43
CA ASN A 195 -18.12 -14.56 -7.74
C ASN A 195 -16.73 -14.93 -8.25
N LEU A 196 -16.39 -16.20 -8.14
CA LEU A 196 -15.03 -16.66 -8.42
C LEU A 196 -14.61 -16.41 -9.86
N ALA A 197 -15.60 -16.34 -10.75
CA ALA A 197 -15.36 -16.22 -12.19
C ALA A 197 -15.15 -14.79 -12.74
N SER A 198 -15.24 -13.77 -11.88
CA SER A 198 -15.08 -12.36 -12.31
C SER A 198 -14.39 -11.46 -11.29
N GLU A 199 -13.77 -10.39 -11.79
CA GLU A 199 -13.07 -9.39 -10.95
C GLU A 199 -14.01 -8.37 -10.28
N TYR A 200 -15.27 -8.36 -10.70
CA TYR A 200 -16.28 -7.44 -10.15
C TYR A 200 -16.63 -7.80 -8.70
N PRO A 201 -16.59 -6.81 -7.80
CA PRO A 201 -16.94 -7.06 -6.41
C PRO A 201 -18.42 -6.76 -6.12
N VAL A 202 -18.91 -7.30 -5.00
CA VAL A 202 -20.13 -6.75 -4.42
C VAL A 202 -19.71 -5.64 -3.47
N VAL A 203 -20.31 -4.46 -3.66
CA VAL A 203 -20.00 -3.30 -2.85
C VAL A 203 -21.29 -2.76 -2.24
N ASP A 204 -21.19 -2.44 -0.96
CA ASP A 204 -22.27 -1.87 -0.17
C ASP A 204 -21.70 -0.53 0.32
N GLY A 205 -21.89 0.52 -0.49
CA GLY A 205 -21.26 1.82 -0.28
C GLY A 205 -21.58 2.41 1.09
N LYS A 206 -22.86 2.29 1.43
CA LYS A 206 -23.41 2.60 2.75
C LYS A 206 -22.58 1.96 3.88
N LEU A 207 -22.48 0.62 3.85
CA LEU A 207 -21.81 -0.12 4.91
C LEU A 207 -20.33 0.15 4.92
N SER A 208 -19.77 0.32 3.73
CA SER A 208 -18.33 0.44 3.57
C SER A 208 -17.77 1.70 4.26
N GLN A 209 -18.43 2.83 4.11
CA GLN A 209 -17.97 4.05 4.81
C GLN A 209 -18.10 3.91 6.32
N THR A 210 -19.26 3.45 6.78
CA THR A 210 -19.47 3.08 8.19
C THR A 210 -18.40 2.09 8.73
N CYS A 211 -18.03 1.09 7.91
CA CYS A 211 -17.04 0.07 8.28
C CYS A 211 -15.61 0.58 8.39
N TYR A 212 -15.21 1.42 7.42
CA TYR A 212 -13.87 1.91 7.37
C TYR A 212 -13.57 2.89 8.50
N LEU A 213 -14.47 3.88 8.66
CA LEU A 213 -14.40 4.81 9.78
C LEU A 213 -14.50 4.14 11.15
N MET A 214 -15.39 3.17 11.30
CA MET A 214 -15.43 2.36 12.53
C MET A 214 -14.08 1.67 12.85
N ALA A 215 -13.45 1.10 11.82
CA ALA A 215 -12.13 0.45 11.96
C ALA A 215 -11.01 1.45 12.29
N LEU A 216 -10.99 2.56 11.56
CA LEU A 216 -10.03 3.62 11.82
C LEU A 216 -10.15 4.19 13.24
N ASP A 217 -11.36 4.63 13.64
CA ASP A 217 -11.60 5.07 15.03
C ASP A 217 -11.13 4.03 16.04
N SER A 218 -11.49 2.79 15.77
CA SER A 218 -11.26 1.73 16.75
C SER A 218 -9.78 1.41 16.87
N CYS A 219 -9.08 1.24 15.74
CA CYS A 219 -7.62 1.11 15.76
C CYS A 219 -6.94 2.28 16.48
N TYR A 220 -7.35 3.51 16.18
CA TYR A 220 -6.75 4.69 16.84
C TYR A 220 -6.92 4.67 18.35
N LYS A 221 -8.15 4.37 18.79
CA LYS A 221 -8.53 4.24 20.21
C LYS A 221 -7.67 3.20 20.92
N HIS A 222 -7.51 2.02 20.30
CA HIS A 222 -6.68 0.96 20.86
C HIS A 222 -5.21 1.33 20.97
N LEU A 223 -4.70 1.97 19.93
CA LEU A 223 -3.32 2.48 19.91
C LEU A 223 -3.10 3.58 20.97
N CYS A 224 -4.04 4.53 21.05
CA CYS A 224 -4.01 5.55 22.10
C CYS A 224 -3.99 4.94 23.47
N ASN A 225 -4.83 3.94 23.73
CA ASN A 225 -4.84 3.24 25.03
C ASN A 225 -3.51 2.62 25.37
N LYS A 226 -2.94 1.90 24.41
CA LYS A 226 -1.60 1.38 24.54
C LYS A 226 -0.56 2.48 24.82
N PHE A 227 -0.64 3.60 24.10
CA PHE A 227 0.26 4.73 24.35
C PHE A 227 0.17 5.25 25.78
N GLU A 228 -1.06 5.43 26.27
CA GLU A 228 -1.29 5.91 27.63
C GLU A 228 -0.63 4.98 28.65
N LYS A 229 -0.74 3.66 28.46
CA LYS A 229 -0.02 2.71 29.33
C LYS A 229 1.50 2.79 29.18
N LEU A 230 1.98 2.93 27.95
CA LEU A 230 3.40 2.94 27.66
C LEU A 230 4.04 4.19 28.21
N GLU A 231 3.52 5.35 27.82
CA GLU A 231 4.20 6.61 28.08
C GLU A 231 3.53 7.45 29.17
N GLY A 232 2.39 7.00 29.67
CA GLY A 232 1.72 7.66 30.80
C GLY A 232 1.11 9.02 30.48
N LYS A 233 0.82 9.23 29.19
CA LYS A 233 0.14 10.43 28.73
C LYS A 233 -0.79 10.08 27.58
N GLU A 234 -1.82 10.89 27.39
CA GLU A 234 -2.80 10.69 26.34
C GLU A 234 -2.17 11.00 24.98
N PHE A 235 -2.38 10.13 24.00
CA PHE A 235 -1.89 10.34 22.63
C PHE A 235 -2.72 11.37 21.90
N SER A 236 -2.07 12.19 21.08
CA SER A 236 -2.78 12.96 20.08
C SER A 236 -1.96 13.00 18.80
N ILE A 237 -2.54 13.58 17.78
CA ILE A 237 -1.85 13.81 16.51
C ILE A 237 -0.46 14.44 16.67
N ASN A 238 -0.25 15.19 17.76
CA ASN A 238 1.05 15.84 18.05
C ASN A 238 2.12 14.86 18.45
N ASP A 239 1.74 13.64 18.86
CA ASP A 239 2.74 12.64 19.28
C ASP A 239 3.35 11.78 18.18
N ALA A 240 2.97 12.06 16.93
CA ALA A 240 3.66 11.44 15.82
C ALA A 240 4.05 12.50 14.82
N ASP A 241 5.14 12.25 14.14
CA ASP A 241 5.67 13.17 13.15
C ASP A 241 4.97 13.02 11.81
N TYR A 242 4.63 11.79 11.48
CA TYR A 242 3.96 11.48 10.22
C TYR A 242 2.88 10.44 10.44
N PHE A 243 1.79 10.59 9.71
CA PHE A 243 0.75 9.59 9.64
C PHE A 243 0.64 9.12 8.21
N VAL A 244 0.77 7.80 8.03
CA VAL A 244 0.69 7.14 6.71
C VAL A 244 -0.48 6.17 6.65
N PHE A 245 -1.23 6.23 5.55
CA PHE A 245 -2.46 5.50 5.44
C PHE A 245 -2.44 4.64 4.18
N HIS A 246 -3.23 3.58 4.26
CA HIS A 246 -3.74 2.85 3.10
C HIS A 246 -4.34 3.90 2.17
N SER A 247 -3.93 3.90 0.90
CA SER A 247 -4.19 5.07 0.07
C SER A 247 -4.81 4.68 -1.26
N PRO A 248 -6.03 4.10 -1.24
CA PRO A 248 -6.61 3.67 -2.53
C PRO A 248 -6.84 4.86 -3.48
N TYR A 249 -7.28 6.00 -2.92
CA TYR A 249 -7.33 7.24 -3.65
C TYR A 249 -7.07 8.33 -2.60
N ASN A 250 -6.59 9.48 -3.05
CA ASN A 250 -6.08 10.48 -2.14
C ASN A 250 -7.14 11.17 -1.27
N LYS A 251 -8.35 11.33 -1.80
CA LYS A 251 -9.42 11.91 -1.00
C LYS A 251 -9.70 11.11 0.29
N LEU A 252 -9.52 9.79 0.25
CA LEU A 252 -9.78 8.95 1.42
C LEU A 252 -8.69 9.17 2.44
N VAL A 253 -7.48 9.44 1.95
CA VAL A 253 -6.36 9.80 2.83
C VAL A 253 -6.63 11.11 3.59
N GLN A 254 -7.10 12.15 2.87
CA GLN A 254 -7.52 13.39 3.50
C GLN A 254 -8.58 13.18 4.55
N LYS A 255 -9.63 12.42 4.23
CA LYS A 255 -10.70 12.13 5.17
C LYS A 255 -10.25 11.35 6.42
N SER A 256 -9.35 10.38 6.19
CA SER A 256 -8.80 9.52 7.24
C SER A 256 -8.04 10.34 8.28
N PHE A 257 -7.17 11.23 7.82
CA PHE A 257 -6.37 12.05 8.75
C PHE A 257 -7.28 13.02 9.49
N ALA A 258 -8.25 13.56 8.76
CA ALA A 258 -9.23 14.48 9.36
C ALA A 258 -10.06 13.77 10.43
N ARG A 259 -10.40 12.51 10.19
CA ARG A 259 -11.16 11.75 11.16
C ARG A 259 -10.37 11.61 12.47
N LEU A 260 -9.03 11.59 12.37
CA LEU A 260 -8.22 11.46 13.57
C LEU A 260 -8.33 12.76 14.41
N LEU A 261 -8.44 13.91 13.75
CA LEU A 261 -8.64 15.18 14.49
C LEU A 261 -9.98 15.22 15.23
N TYR A 262 -11.03 14.73 14.58
CA TYR A 262 -12.33 14.56 15.23
C TYR A 262 -12.17 13.68 16.47
N ASN A 263 -11.50 12.55 16.33
CA ASN A 263 -11.24 11.70 17.48
C ASN A 263 -10.53 12.44 18.60
N ASP A 264 -9.51 13.22 18.26
CA ASP A 264 -8.81 14.04 19.24
C ASP A 264 -9.79 15.03 19.91
N PHE A 265 -10.66 15.66 19.12
CA PHE A 265 -11.72 16.53 19.67
C PHE A 265 -12.51 15.76 20.72
N LEU A 266 -13.02 14.58 20.35
CA LEU A 266 -13.81 13.77 21.27
C LEU A 266 -13.09 13.41 22.57
N ARG A 267 -11.76 13.34 22.52
CA ARG A 267 -10.97 12.97 23.68
C ARG A 267 -10.37 14.19 24.36
N ASN A 268 -10.85 15.37 23.97
CA ASN A 268 -10.30 16.65 24.41
C ASN A 268 -8.78 16.64 24.46
N ALA A 269 -8.17 16.15 23.38
CA ALA A 269 -6.74 16.01 23.31
C ALA A 269 -6.08 17.36 23.04
N SER A 270 -4.79 17.44 23.34
CA SER A 270 -4.09 18.72 23.29
C SER A 270 -3.75 19.21 21.89
N SER A 271 -3.96 18.37 20.87
CA SER A 271 -3.84 18.83 19.49
C SER A 271 -4.96 19.78 19.11
N ILE A 272 -6.00 19.83 19.93
CA ILE A 272 -7.20 20.58 19.58
C ILE A 272 -7.12 21.93 20.26
N ASP A 273 -6.92 22.99 19.48
CA ASP A 273 -6.89 24.32 20.07
C ASP A 273 -8.26 24.96 20.18
N GLU A 274 -8.25 26.08 20.93
CA GLU A 274 -9.34 27.02 21.09
C GLU A 274 -10.32 27.10 19.94
N ALA A 275 -9.84 27.59 18.80
CA ALA A 275 -10.63 27.73 17.58
C ALA A 275 -11.16 26.42 17.00
N ALA A 276 -10.34 25.36 17.11
CA ALA A 276 -10.72 24.04 16.62
C ALA A 276 -11.88 23.55 17.49
N LYS A 277 -11.75 23.68 18.82
CA LYS A 277 -12.85 23.29 19.73
C LYS A 277 -14.17 23.91 19.29
N GLU A 278 -14.13 25.23 19.10
CA GLU A 278 -15.28 26.04 18.68
C GLU A 278 -15.81 25.58 17.32
N LYS A 279 -14.92 25.17 16.42
CA LYS A 279 -15.36 24.59 15.14
C LYS A 279 -16.10 23.26 15.29
N PHE A 280 -15.66 22.43 16.23
CA PHE A 280 -16.26 21.11 16.41
C PHE A 280 -17.50 21.12 17.31
N THR A 281 -17.56 22.08 18.23
CA THR A 281 -18.68 22.10 19.20
C THR A 281 -20.08 21.91 18.61
N PRO A 282 -20.42 22.56 17.47
CA PRO A 282 -21.75 22.23 16.92
C PRO A 282 -22.03 20.73 16.70
N TYR A 283 -20.98 19.89 16.65
CA TYR A 283 -21.13 18.45 16.36
C TYR A 283 -21.02 17.54 17.59
N SER A 284 -20.85 18.15 18.77
CA SER A 284 -20.67 17.40 20.00
C SER A 284 -21.91 16.56 20.39
N SER A 285 -23.09 16.93 19.89
CA SER A 285 -24.31 16.15 20.17
C SER A 285 -24.54 14.95 19.21
N LEU A 286 -23.66 14.76 18.22
CA LEU A 286 -23.85 13.68 17.27
C LEU A 286 -23.50 12.34 17.93
N SER A 287 -24.30 11.30 17.68
CA SER A 287 -23.91 9.96 18.15
C SER A 287 -22.79 9.45 17.23
N LEU A 288 -22.07 8.42 17.67
CA LEU A 288 -21.06 7.78 16.81
C LEU A 288 -21.68 7.39 15.49
N ASP A 289 -22.84 6.72 15.54
CA ASP A 289 -23.53 6.32 14.30
C ASP A 289 -23.74 7.50 13.36
N GLU A 290 -24.28 8.59 13.91
CA GLU A 290 -24.45 9.87 13.22
C GLU A 290 -23.14 10.49 12.71
N SER A 291 -22.08 10.39 13.51
CA SER A 291 -20.75 10.92 13.11
C SER A 291 -20.22 10.34 11.79
N TYR A 292 -20.56 9.10 11.46
CA TYR A 292 -19.98 8.49 10.25
C TYR A 292 -20.60 9.01 8.95
N GLN A 293 -21.87 9.41 8.99
CA GLN A 293 -22.53 9.95 7.79
C GLN A 293 -22.72 11.48 7.73
N SER A 294 -22.09 12.24 8.61
CA SER A 294 -22.28 13.70 8.53
C SER A 294 -21.25 14.39 7.63
N ARG A 295 -21.74 14.92 6.51
CA ARG A 295 -20.91 15.65 5.56
C ARG A 295 -20.36 16.90 6.21
N ASP A 296 -21.18 17.56 7.04
CA ASP A 296 -20.80 18.79 7.71
C ASP A 296 -19.63 18.56 8.65
N LEU A 297 -19.73 17.49 9.45
CA LEU A 297 -18.60 17.01 10.28
C LEU A 297 -17.35 16.81 9.43
N GLU A 298 -17.49 16.09 8.30
CA GLU A 298 -16.33 15.87 7.40
C GLU A 298 -15.60 17.15 7.06
N LYS A 299 -16.37 18.18 6.69
CA LYS A 299 -15.78 19.42 6.19
C LYS A 299 -15.11 20.20 7.30
N VAL A 300 -15.72 20.26 8.46
CA VAL A 300 -15.09 20.92 9.59
C VAL A 300 -13.81 20.17 10.03
N SER A 301 -13.88 18.84 10.08
CA SER A 301 -12.70 18.02 10.43
C SER A 301 -11.57 18.33 9.45
N GLN A 302 -11.92 18.36 8.16
CA GLN A 302 -11.01 18.76 7.07
C GLN A 302 -10.37 20.15 7.21
N GLN A 303 -11.17 21.18 7.50
CA GLN A 303 -10.68 22.53 7.86
C GLN A 303 -9.69 22.58 9.04
N LEU A 304 -10.03 21.90 10.12
CA LEU A 304 -9.16 21.73 11.28
C LEU A 304 -7.81 21.05 11.00
N ALA A 305 -7.88 19.95 10.25
CA ALA A 305 -6.76 19.07 9.99
C ALA A 305 -5.77 19.67 8.98
N LYS A 306 -6.27 20.66 8.20
CA LYS A 306 -5.58 21.23 7.02
C LYS A 306 -4.10 21.47 7.20
N THR A 307 -3.74 22.21 8.24
CA THR A 307 -2.34 22.58 8.49
C THR A 307 -1.47 21.38 8.94
N TYR A 308 -2.06 20.53 9.79
CA TYR A 308 -1.38 19.35 10.25
C TYR A 308 -1.16 18.39 9.06
N TYR A 309 -2.12 18.37 8.12
CA TYR A 309 -2.06 17.47 6.94
C TYR A 309 -0.83 17.75 6.09
N ASP A 310 -0.58 19.04 5.79
CA ASP A 310 0.59 19.38 4.97
C ASP A 310 1.90 18.99 5.68
N ALA A 311 1.96 19.07 7.00
CA ALA A 311 3.18 18.67 7.71
C ALA A 311 3.31 17.14 7.90
N LYS A 312 2.20 16.48 8.22
CA LYS A 312 2.25 15.08 8.70
C LYS A 312 1.85 14.06 7.65
N VAL A 313 1.15 14.49 6.60
CA VAL A 313 0.55 13.52 5.67
C VAL A 313 0.97 13.74 4.22
N GLN A 314 1.04 15.00 3.80
CA GLN A 314 1.28 15.32 2.39
C GLN A 314 2.52 14.66 1.75
N PRO A 315 3.64 14.56 2.49
CA PRO A 315 4.82 13.86 1.94
C PRO A 315 4.64 12.36 1.73
N THR A 316 3.51 11.79 2.17
CA THR A 316 3.23 10.34 1.98
C THR A 316 2.40 10.10 0.74
N THR A 317 2.19 11.13 -0.08
CA THR A 317 1.17 11.01 -1.13
C THR A 317 1.71 10.90 -2.56
N LEU A 318 3.02 11.11 -2.72
CA LEU A 318 3.62 11.22 -4.04
C LEU A 318 3.27 10.01 -4.93
N VAL A 319 3.73 8.83 -4.51
CA VAL A 319 3.52 7.64 -5.32
C VAL A 319 2.03 7.26 -5.48
N PRO A 320 1.26 7.15 -4.37
CA PRO A 320 -0.17 6.88 -4.61
C PRO A 320 -0.93 7.83 -5.59
N LYS A 321 -0.62 9.13 -5.59
CA LYS A 321 -1.29 10.09 -6.48
C LYS A 321 -0.85 9.91 -7.94
N GLN A 322 0.40 9.49 -8.15
CA GLN A 322 0.99 9.30 -9.50
C GLN A 322 0.77 7.91 -10.10
N VAL A 323 0.44 6.93 -9.25
CA VAL A 323 0.29 5.53 -9.68
C VAL A 323 -1.16 5.02 -9.54
N GLY A 324 -1.84 5.43 -8.49
CA GLY A 324 -3.16 4.92 -8.24
C GLY A 324 -3.20 3.93 -7.12
N ASN A 325 -4.29 3.16 -7.07
CA ASN A 325 -4.53 2.17 -6.06
C ASN A 325 -3.64 0.96 -6.21
N MET A 326 -2.83 0.73 -5.17
CA MET A 326 -1.87 -0.37 -5.19
C MET A 326 -2.28 -1.44 -4.18
N TYR A 327 -3.50 -1.33 -3.66
CA TYR A 327 -4.11 -2.38 -2.86
C TYR A 327 -3.17 -2.73 -1.70
N THR A 328 -2.66 -3.96 -1.61
CA THR A 328 -1.83 -4.34 -0.45
C THR A 328 -0.55 -3.50 -0.32
N ALA A 329 -0.03 -3.00 -1.45
CA ALA A 329 1.22 -2.22 -1.48
C ALA A 329 0.96 -0.73 -1.26
N SER A 330 -0.29 -0.32 -1.29
CA SER A 330 -0.69 1.08 -1.16
C SER A 330 -0.05 1.83 0.04
N LEU A 331 -0.22 1.26 1.25
CA LEU A 331 0.30 1.89 2.45
C LEU A 331 1.81 1.99 2.39
N TYR A 332 2.43 0.94 1.83
CA TYR A 332 3.91 0.81 1.76
C TYR A 332 4.48 1.72 0.70
N ALA A 333 3.72 1.99 -0.35
CA ALA A 333 4.09 3.03 -1.33
C ALA A 333 3.94 4.45 -0.78
N ALA A 334 2.95 4.66 0.08
CA ALA A 334 2.82 5.94 0.80
C ALA A 334 4.01 6.13 1.74
N PHE A 335 4.42 5.05 2.41
CA PHE A 335 5.59 5.05 3.28
C PHE A 335 6.87 5.30 2.47
N ALA A 336 6.98 4.64 1.32
CA ALA A 336 8.10 4.84 0.42
C ALA A 336 8.18 6.30 -0.09
N SER A 337 7.04 6.89 -0.42
CA SER A 337 6.91 8.32 -0.67
C SER A 337 7.48 9.16 0.47
N LEU A 338 7.14 8.83 1.71
CA LEU A 338 7.65 9.57 2.85
C LEU A 338 9.19 9.54 2.94
N VAL A 339 9.76 8.35 2.81
CA VAL A 339 11.22 8.19 2.82
C VAL A 339 11.85 8.98 1.66
N HIS A 340 11.24 8.93 0.49
CA HIS A 340 11.79 9.62 -0.68
C HIS A 340 11.87 11.12 -0.37
N ASN A 341 10.79 11.66 0.20
CA ASN A 341 10.61 13.09 0.39
C ASN A 341 11.28 13.60 1.65
N LYS A 342 11.43 12.78 2.70
CA LYS A 342 11.89 13.29 3.98
C LYS A 342 13.07 12.55 4.60
N HIS A 343 13.73 11.67 3.84
CA HIS A 343 14.77 10.80 4.40
C HIS A 343 15.81 11.50 5.29
N SER A 344 16.23 12.71 4.90
CA SER A 344 17.30 13.40 5.62
C SER A 344 16.83 13.98 6.97
N ASP A 345 15.51 14.01 7.17
CA ASP A 345 14.97 14.49 8.43
C ASP A 345 14.16 13.48 9.23
N LEU A 346 14.17 12.21 8.82
CA LEU A 346 13.33 11.17 9.42
C LEU A 346 13.96 10.51 10.64
N ALA A 347 15.27 10.55 10.74
CA ALA A 347 15.97 9.98 11.91
C ALA A 347 15.43 10.59 13.21
N GLY A 348 15.11 9.73 14.18
CA GLY A 348 14.47 10.17 15.41
C GLY A 348 12.97 10.36 15.41
N LYS A 349 12.32 10.22 14.25
CA LYS A 349 10.88 10.56 14.15
C LYS A 349 9.93 9.36 14.38
N ARG A 350 8.69 9.64 14.78
CA ARG A 350 7.70 8.61 14.88
C ARG A 350 6.75 8.65 13.68
N VAL A 351 6.56 7.48 13.08
CA VAL A 351 5.68 7.36 11.93
C VAL A 351 4.57 6.38 12.31
N VAL A 352 3.32 6.82 12.19
CA VAL A 352 2.16 5.97 12.46
C VAL A 352 1.60 5.50 11.11
N MET A 353 1.30 4.21 11.04
CA MET A 353 0.85 3.54 9.82
C MET A 353 -0.52 2.99 10.05
N PHE A 354 -1.42 3.18 9.11
CA PHE A 354 -2.76 2.60 9.15
C PHE A 354 -3.07 1.77 7.91
N SER A 355 -3.34 0.50 8.17
CA SER A 355 -3.59 -0.50 7.14
C SER A 355 -5.04 -0.96 7.24
N TYR A 356 -5.71 -1.05 6.10
CA TYR A 356 -7.08 -1.49 6.04
C TYR A 356 -7.23 -2.54 4.99
N GLY A 357 -8.14 -3.48 5.19
CA GLY A 357 -8.63 -4.34 4.11
C GLY A 357 -10.09 -4.56 4.44
N SER A 358 -10.94 -4.42 3.42
CA SER A 358 -12.37 -4.68 3.50
C SER A 358 -12.69 -6.09 4.01
N GLY A 359 -13.82 -6.20 4.74
CA GLY A 359 -14.32 -7.48 5.22
C GLY A 359 -14.47 -7.82 6.70
N SER A 360 -13.80 -7.15 7.66
CA SER A 360 -12.77 -6.12 7.49
C SER A 360 -11.63 -6.43 8.47
N THR A 361 -10.42 -6.00 8.12
CA THR A 361 -9.23 -6.27 8.94
C THR A 361 -8.40 -5.01 8.93
N ALA A 362 -8.07 -4.48 10.09
CA ALA A 362 -7.32 -3.25 10.10
C ALA A 362 -6.39 -3.20 11.28
N THR A 363 -5.27 -2.51 11.08
CA THR A 363 -4.28 -2.29 12.12
C THR A 363 -3.62 -0.95 11.96
N MET A 364 -3.52 -0.23 13.06
CA MET A 364 -2.73 0.98 13.13
C MET A 364 -1.51 0.64 13.98
N PHE A 365 -0.30 0.86 13.46
CA PHE A 365 0.91 0.48 14.18
C PHE A 365 1.96 1.60 14.12
N SER A 366 2.87 1.67 15.06
CA SER A 366 3.79 2.78 15.05
C SER A 366 5.20 2.32 14.79
N LEU A 367 5.96 3.16 14.07
CA LEU A 367 7.38 2.98 13.79
C LEU A 367 8.22 4.13 14.34
N ARG A 368 9.44 3.81 14.72
CA ARG A 368 10.43 4.85 15.07
C ARG A 368 11.54 4.73 14.06
N LEU A 369 11.87 5.85 13.44
CA LEU A 369 12.95 5.85 12.46
C LEU A 369 14.26 6.32 13.12
N CYS A 370 15.38 5.78 12.62
CA CYS A 370 16.67 5.84 13.29
C CYS A 370 17.79 6.03 12.28
N GLU A 371 18.82 6.75 12.71
CA GLU A 371 20.05 6.89 11.94
C GLU A 371 20.74 5.54 11.97
N ASN A 372 21.25 5.10 10.83
CA ASN A 372 21.89 3.80 10.72
C ASN A 372 22.89 3.91 9.60
N GLN A 373 23.88 3.03 9.56
CA GLN A 373 24.82 3.10 8.44
C GLN A 373 24.24 2.41 7.22
N SER A 374 24.62 2.90 6.06
CA SER A 374 24.36 2.26 4.79
C SER A 374 24.91 0.82 4.81
N PRO A 375 24.30 -0.12 4.05
CA PRO A 375 23.24 0.08 3.06
C PRO A 375 21.84 0.22 3.66
N PHE A 376 21.71 -0.04 4.95
CA PHE A 376 20.41 -0.08 5.65
C PHE A 376 20.19 1.23 6.42
N SER A 377 20.10 2.33 5.65
CA SER A 377 19.94 3.67 6.16
C SER A 377 18.79 4.29 5.39
N LEU A 378 18.11 5.24 6.00
CA LEU A 378 17.02 5.95 5.34
C LEU A 378 17.48 6.61 4.02
N SER A 379 18.66 7.24 4.03
CA SER A 379 19.18 7.92 2.84
C SER A 379 19.48 6.95 1.73
N ASN A 380 20.15 5.85 2.05
CA ASN A 380 20.40 4.86 1.03
C ASN A 380 19.13 4.15 0.52
N ILE A 381 18.11 4.00 1.38
CA ILE A 381 16.84 3.45 0.91
C ILE A 381 16.24 4.40 -0.14
N ALA A 382 16.25 5.70 0.15
CA ALA A 382 15.68 6.72 -0.78
C ALA A 382 16.43 6.71 -2.11
N SER A 383 17.73 6.56 -2.02
CA SER A 383 18.58 6.53 -3.21
C SER A 383 18.34 5.29 -4.06
N VAL A 384 18.32 4.12 -3.42
CA VAL A 384 18.07 2.86 -4.13
C VAL A 384 16.70 2.86 -4.82
N MET A 385 15.65 3.26 -4.10
CA MET A 385 14.30 3.24 -4.68
C MET A 385 14.12 4.17 -5.89
N ASP A 386 14.90 5.26 -5.95
CA ASP A 386 14.94 6.13 -7.16
C ASP A 386 13.55 6.47 -7.69
N VAL A 387 12.68 6.86 -6.77
CA VAL A 387 11.28 7.12 -7.07
C VAL A 387 11.15 8.27 -8.09
N GLY A 388 12.00 9.28 -7.93
CA GLY A 388 12.12 10.39 -8.91
C GLY A 388 12.39 9.90 -10.31
N GLY A 389 13.47 9.15 -10.48
CA GLY A 389 13.79 8.44 -11.72
C GLY A 389 12.70 7.57 -12.32
N LYS A 390 12.06 6.74 -11.51
CA LYS A 390 10.99 5.86 -12.02
C LYS A 390 9.81 6.67 -12.57
N LEU A 391 9.52 7.79 -11.88
CA LEU A 391 8.42 8.64 -12.27
C LEU A 391 8.73 9.40 -13.55
N LYS A 392 9.98 9.80 -13.74
CA LYS A 392 10.41 10.48 -14.97
C LYS A 392 10.40 9.52 -16.17
N ALA A 393 10.61 8.22 -15.94
CA ALA A 393 10.74 7.21 -17.01
C ALA A 393 9.43 6.57 -17.46
N ARG A 394 8.30 7.15 -17.10
CA ARG A 394 6.98 6.62 -17.46
C ARG A 394 6.60 6.88 -18.93
N HIS A 395 5.60 6.17 -19.43
CA HIS A 395 5.12 6.31 -20.80
C HIS A 395 3.63 6.40 -20.78
N GLU A 396 3.13 7.52 -21.25
CA GLU A 396 1.73 7.87 -21.16
C GLU A 396 0.94 7.24 -22.31
N TYR A 397 -0.23 6.68 -21.98
CA TYR A 397 -1.17 6.15 -22.96
C TYR A 397 -2.31 7.15 -23.11
N ALA A 398 -2.84 7.31 -24.32
CA ALA A 398 -4.07 8.08 -24.45
C ALA A 398 -5.20 7.28 -23.82
N PRO A 399 -6.21 7.95 -23.25
CA PRO A 399 -7.28 7.16 -22.61
C PRO A 399 -7.84 6.04 -23.48
N GLU A 400 -7.89 6.30 -24.80
CA GLU A 400 -8.25 5.30 -25.79
C GLU A 400 -7.48 4.00 -25.69
N LYS A 401 -6.17 4.11 -25.81
CA LYS A 401 -5.26 3.00 -25.85
C LYS A 401 -5.26 2.29 -24.47
N PHE A 402 -5.41 3.08 -23.41
CA PHE A 402 -5.64 2.59 -22.07
C PHE A 402 -6.91 1.70 -21.97
N VAL A 403 -8.07 2.20 -22.42
CA VAL A 403 -9.32 1.41 -22.43
C VAL A 403 -9.21 0.10 -23.25
N GLU A 404 -8.56 0.15 -24.41
CA GLU A 404 -8.29 -1.08 -25.20
C GLU A 404 -7.44 -2.08 -24.43
N THR A 405 -6.39 -1.57 -23.80
CA THR A 405 -5.53 -2.41 -22.93
C THR A 405 -6.31 -3.07 -21.79
N MET A 406 -7.26 -2.37 -21.20
CA MET A 406 -8.08 -2.92 -20.09
C MET A 406 -9.04 -3.99 -20.56
N LYS A 407 -9.57 -3.83 -21.78
CA LYS A 407 -10.38 -4.84 -22.44
C LYS A 407 -9.56 -6.10 -22.69
N LEU A 408 -8.35 -5.93 -23.20
CA LEU A 408 -7.40 -7.00 -23.39
C LEU A 408 -7.15 -7.75 -22.06
N MET A 409 -6.85 -6.99 -21.00
CA MET A 409 -6.60 -7.59 -19.69
C MET A 409 -7.83 -8.37 -19.21
N GLU A 410 -9.01 -7.83 -19.45
CA GLU A 410 -10.26 -8.50 -19.12
C GLU A 410 -10.36 -9.86 -19.81
N HIS A 411 -9.93 -9.91 -21.08
CA HIS A 411 -9.89 -11.15 -21.88
C HIS A 411 -8.91 -12.22 -21.37
N ARG A 412 -7.73 -11.77 -20.92
CA ARG A 412 -6.69 -12.66 -20.44
C ARG A 412 -6.91 -13.14 -18.99
N TYR A 413 -7.89 -12.56 -18.29
CA TYR A 413 -8.14 -12.89 -16.85
C TYR A 413 -8.70 -14.30 -16.66
N GLY A 414 -7.94 -15.12 -15.94
CA GLY A 414 -8.29 -16.54 -15.74
C GLY A 414 -8.32 -17.38 -17.00
N ALA A 415 -7.57 -16.96 -18.02
CA ALA A 415 -7.58 -17.61 -19.33
C ALA A 415 -6.29 -18.40 -19.53
N LYS A 416 -6.36 -19.45 -20.36
CA LYS A 416 -5.18 -20.25 -20.69
C LYS A 416 -4.85 -20.20 -22.19
N GLU A 417 -3.71 -20.82 -22.53
CA GLU A 417 -3.31 -21.01 -23.93
C GLU A 417 -3.32 -19.75 -24.79
N PHE A 418 -2.43 -18.82 -24.47
CA PHE A 418 -2.21 -17.65 -25.32
C PHE A 418 -0.76 -17.19 -25.22
N VAL A 419 -0.32 -16.44 -26.21
CA VAL A 419 0.97 -15.81 -26.20
C VAL A 419 0.68 -14.31 -26.18
N THR A 420 1.34 -13.59 -25.29
CA THR A 420 1.23 -12.15 -25.29
C THR A 420 1.85 -11.57 -26.55
N SER A 421 1.41 -10.35 -26.88
CA SER A 421 1.93 -9.57 -28.01
C SER A 421 2.85 -8.44 -27.51
N LYS A 422 4.12 -8.51 -27.94
CA LYS A 422 5.19 -7.65 -27.42
C LYS A 422 5.36 -6.39 -28.24
N GLU A 423 4.80 -6.43 -29.44
CA GLU A 423 4.89 -5.35 -30.42
C GLU A 423 4.31 -4.01 -29.92
N GLY A 424 5.21 -3.02 -29.76
CA GLY A 424 4.85 -1.69 -29.27
C GLY A 424 4.93 -1.48 -27.77
N ILE A 425 5.05 -2.56 -27.00
CA ILE A 425 4.99 -2.49 -25.53
C ILE A 425 6.36 -2.76 -24.91
N LEU A 426 7.01 -3.85 -25.33
CA LEU A 426 8.31 -4.23 -24.76
C LEU A 426 9.28 -3.07 -24.81
N ASP A 427 9.19 -2.25 -25.86
CA ASP A 427 10.03 -1.05 -26.01
C ASP A 427 9.87 -0.11 -24.81
N LEU A 428 8.69 -0.13 -24.19
CA LEU A 428 8.37 0.81 -23.09
C LEU A 428 8.94 0.36 -21.73
N LEU A 429 9.12 -0.96 -21.57
CA LEU A 429 9.65 -1.52 -20.33
C LEU A 429 11.13 -1.20 -20.19
N ALA A 430 11.57 -0.91 -18.97
CA ALA A 430 12.97 -0.66 -18.72
C ALA A 430 13.82 -1.94 -18.91
N PRO A 431 15.14 -1.79 -19.15
CA PRO A 431 16.01 -2.95 -19.35
C PRO A 431 16.01 -3.78 -18.09
N GLY A 432 15.98 -5.11 -18.24
CA GLY A 432 15.96 -6.05 -17.10
C GLY A 432 14.59 -6.41 -16.56
N THR A 433 13.53 -5.76 -17.06
CA THR A 433 12.16 -5.97 -16.58
C THR A 433 11.63 -7.36 -16.96
N TYR A 434 11.03 -8.07 -16.01
CA TYR A 434 10.37 -9.32 -16.31
C TYR A 434 9.02 -9.03 -16.96
N TYR A 435 8.61 -9.93 -17.85
CA TYR A 435 7.34 -9.83 -18.59
C TYR A 435 6.75 -11.17 -18.94
N LEU A 436 5.44 -11.21 -19.15
CA LEU A 436 4.71 -12.43 -19.47
C LEU A 436 4.83 -12.75 -20.94
N LYS A 437 5.38 -13.92 -21.25
CA LYS A 437 5.50 -14.41 -22.63
C LYS A 437 4.28 -15.20 -23.09
N GLU A 438 3.82 -16.16 -22.30
CA GLU A 438 2.67 -16.96 -22.68
C GLU A 438 2.11 -17.70 -21.49
N VAL A 439 0.84 -18.07 -21.57
CA VAL A 439 0.22 -18.97 -20.62
C VAL A 439 -0.17 -20.22 -21.44
N ASP A 440 0.41 -21.39 -21.12
CA ASP A 440 0.18 -22.60 -21.93
C ASP A 440 -1.19 -23.24 -21.65
N SER A 441 -1.45 -24.40 -22.25
CA SER A 441 -2.77 -25.04 -22.18
C SER A 441 -3.12 -25.64 -20.80
N LEU A 442 -2.13 -25.72 -19.90
CA LEU A 442 -2.38 -26.15 -18.51
C LEU A 442 -2.25 -24.96 -17.51
N TYR A 443 -2.45 -23.74 -18.03
CA TYR A 443 -2.43 -22.47 -17.26
C TYR A 443 -1.07 -22.07 -16.73
N ARG A 444 -0.02 -22.75 -17.15
CA ARG A 444 1.33 -22.49 -16.67
C ARG A 444 1.86 -21.22 -17.31
N ARG A 445 2.45 -20.33 -16.51
CA ARG A 445 2.93 -19.01 -17.00
C ARG A 445 4.45 -18.94 -17.20
N PHE A 446 4.88 -18.33 -18.30
CA PHE A 446 6.31 -18.29 -18.66
C PHE A 446 6.76 -16.85 -18.85
N TYR A 447 7.92 -16.52 -18.27
CA TYR A 447 8.40 -15.14 -18.16
C TYR A 447 9.71 -14.99 -18.86
N GLY A 448 9.93 -13.83 -19.45
CA GLY A 448 11.25 -13.46 -19.90
C GLY A 448 11.74 -12.22 -19.20
N LYS A 449 12.86 -11.71 -19.69
CA LYS A 449 13.50 -10.58 -19.08
C LYS A 449 14.08 -9.68 -20.15
N LYS A 450 13.66 -8.41 -20.12
CA LYS A 450 14.42 -7.23 -20.63
C LYS A 450 13.95 -6.61 -21.95
#